data_3RQR
#
_entry.id   3RQR
#
_cell.length_a   68.770
_cell.length_b   68.770
_cell.length_c   91.380
_cell.angle_alpha   90.00
_cell.angle_beta   90.00
_cell.angle_gamma   90.00
#
_symmetry.space_group_name_H-M   'P 43 21 2'
#
loop_
_entity.id
_entity.type
_entity.pdbx_description
1 polymer 'Ryanodine receptor 1'
2 polymer (UNK)(UNK)(UNK)(UNK)
3 water water
#
loop_
_entity_poly.entity_id
_entity_poly.type
_entity_poly.pdbx_seq_one_letter_code
_entity_poly.pdbx_strand_id
1 'polypeptide(L)'
;MGSSHHHHHHSSGLVPRGSGNFDPRPVETLNVIIPEKLDSFINKFAEYTHEKWAFDKIQNNWSYGENVDEELKTHPMLRP
YKTFSEKDKEIYRWPIKESLKAMIAWEWTIEKAREGEEERTEKKKTRKISQTAQTYDPREGYNPQPPDLSGVTLSRELQA
MAEQLAENYHNTWGRKKKQELEAKGGGTHPLLVPYDTLTAKEKARDREKAQELLKFLQMNGYAVTRG
;
A
2 'polypeptide(L)' (UNK)(UNK)(UNK)(UNK) U
#
# COMPACT_ATOMS: atom_id res chain seq x y z
N ASN A 21 9.36 -26.01 -5.32
CA ASN A 21 10.34 -25.52 -6.29
C ASN A 21 10.07 -24.04 -6.66
N PHE A 22 9.82 -23.19 -5.62
CA PHE A 22 9.46 -21.76 -5.71
C PHE A 22 10.51 -20.86 -6.40
N ASP A 23 10.18 -20.43 -7.61
CA ASP A 23 10.99 -19.50 -8.39
C ASP A 23 10.14 -18.22 -8.61
N PRO A 24 10.11 -17.28 -7.63
CA PRO A 24 9.29 -16.05 -7.82
C PRO A 24 9.82 -15.15 -8.93
N ARG A 25 8.97 -14.91 -9.92
CA ARG A 25 9.32 -14.03 -11.04
C ARG A 25 8.32 -12.86 -11.07
N PRO A 26 8.52 -11.81 -10.22
CA PRO A 26 7.63 -10.65 -10.27
C PRO A 26 7.85 -9.89 -11.58
N VAL A 27 6.84 -9.12 -12.02
CA VAL A 27 6.93 -8.36 -13.27
C VAL A 27 8.09 -7.33 -13.16
N GLU A 28 8.83 -7.11 -14.26
CA GLU A 28 9.95 -6.17 -14.28
C GLU A 28 9.42 -4.74 -14.29
N THR A 29 9.78 -3.95 -13.26
CA THR A 29 9.31 -2.58 -13.09
C THR A 29 10.42 -1.50 -13.20
N LEU A 30 11.72 -1.87 -13.10
CA LEU A 30 12.86 -0.93 -13.11
C LEU A 30 12.86 0.11 -14.25
N ASN A 31 12.50 -0.31 -15.47
CA ASN A 31 12.49 0.60 -16.63
C ASN A 31 11.09 1.21 -16.91
N VAL A 32 10.08 0.93 -16.02
CA VAL A 32 8.70 1.41 -16.18
C VAL A 32 8.60 2.88 -15.73
N ILE A 33 8.12 3.75 -16.64
CA ILE A 33 7.92 5.18 -16.39
C ILE A 33 6.44 5.42 -16.02
N ILE A 34 6.20 6.07 -14.87
CA ILE A 34 4.83 6.42 -14.48
C ILE A 34 4.53 7.80 -15.10
N PRO A 35 3.38 7.99 -15.81
CA PRO A 35 3.09 9.33 -16.34
C PRO A 35 2.97 10.34 -15.19
N GLU A 36 3.53 11.52 -15.40
CA GLU A 36 3.56 12.66 -14.48
C GLU A 36 2.17 13.05 -13.98
N LYS A 37 1.12 12.84 -14.80
CA LYS A 37 -0.27 13.15 -14.46
C LYS A 37 -0.78 12.31 -13.23
N LEU A 38 -0.06 11.22 -12.86
CA LEU A 38 -0.37 10.37 -11.71
C LEU A 38 0.30 10.86 -10.40
N ASP A 39 1.22 11.87 -10.47
CA ASP A 39 1.94 12.41 -9.30
C ASP A 39 1.03 12.91 -8.18
N SER A 40 -0.10 13.55 -8.54
CA SER A 40 -1.07 14.10 -7.59
C SER A 40 -1.77 12.94 -6.89
N PHE A 41 -2.13 11.87 -7.68
CA PHE A 41 -2.75 10.66 -7.15
C PHE A 41 -1.79 9.98 -6.13
N ILE A 42 -0.49 9.84 -6.49
CA ILE A 42 0.57 9.24 -5.65
C ILE A 42 0.67 9.98 -4.30
N ASN A 43 0.73 11.34 -4.35
CA ASN A 43 0.77 12.23 -3.18
C ASN A 43 -0.46 12.09 -2.28
N LYS A 44 -1.70 12.03 -2.89
CA LYS A 44 -2.98 11.89 -2.16
C LYS A 44 -3.05 10.54 -1.47
N PHE A 45 -2.65 9.46 -2.19
CA PHE A 45 -2.68 8.10 -1.64
C PHE A 45 -1.61 7.92 -0.56
N ALA A 46 -0.43 8.59 -0.70
CA ALA A 46 0.65 8.55 0.30
C ALA A 46 0.19 9.19 1.60
N GLU A 47 -0.48 10.36 1.50
CA GLU A 47 -1.03 11.05 2.66
C GLU A 47 -2.11 10.19 3.30
N TYR A 48 -2.97 9.57 2.47
CA TYR A 48 -4.03 8.68 2.97
C TYR A 48 -3.43 7.52 3.78
N THR A 49 -2.43 6.82 3.19
CA THR A 49 -1.71 5.68 3.79
C THR A 49 -1.14 6.08 5.15
N HIS A 50 -0.49 7.28 5.23
CA HIS A 50 0.05 7.83 6.48
C HIS A 50 -1.05 8.05 7.50
N GLU A 51 -2.11 8.77 7.10
CA GLU A 51 -3.27 9.09 7.93
C GLU A 51 -3.93 7.84 8.51
N LYS A 52 -4.04 6.74 7.70
CA LYS A 52 -4.60 5.45 8.12
C LYS A 52 -3.68 4.79 9.16
N TRP A 53 -2.35 4.76 8.89
CA TRP A 53 -1.35 4.23 9.83
C TRP A 53 -1.37 5.03 11.15
N ALA A 54 -1.43 6.38 11.04
CA ALA A 54 -1.45 7.28 12.18
C ALA A 54 -2.72 7.13 12.99
N PHE A 55 -3.90 7.05 12.32
CA PHE A 55 -5.22 6.88 12.94
C PHE A 55 -5.24 5.61 13.82
N ASP A 56 -4.83 4.46 13.26
CA ASP A 56 -4.80 3.17 13.96
C ASP A 56 -3.96 3.22 15.23
N LYS A 57 -2.77 3.88 15.17
CA LYS A 57 -1.83 4.07 16.28
C LYS A 57 -2.43 5.00 17.37
N ILE A 58 -2.91 6.21 16.98
CA ILE A 58 -3.50 7.23 17.86
C ILE A 58 -4.75 6.67 18.61
N GLN A 59 -5.55 5.80 17.95
CA GLN A 59 -6.72 5.14 18.55
C GLN A 59 -6.27 3.99 19.48
N ASN A 60 -5.02 3.51 19.30
CA ASN A 60 -4.39 2.44 20.11
C ASN A 60 -3.52 3.09 21.23
N ASN A 61 -3.72 4.41 21.45
CA ASN A 61 -3.16 5.30 22.46
C ASN A 61 -1.66 5.67 22.27
N TRP A 62 -1.22 5.73 21.00
CA TRP A 62 0.14 6.17 20.64
C TRP A 62 0.11 7.69 20.45
N SER A 63 1.24 8.36 20.68
CA SER A 63 1.36 9.82 20.53
C SER A 63 2.74 10.21 19.99
N TYR A 64 2.91 11.47 19.55
CA TYR A 64 4.18 11.97 19.04
C TYR A 64 5.21 12.07 20.17
N GLY A 65 6.48 11.89 19.81
CA GLY A 65 7.65 11.96 20.68
C GLY A 65 8.87 11.60 19.87
N GLU A 66 10.02 12.22 20.21
CA GLU A 66 11.33 12.05 19.54
C GLU A 66 11.72 10.60 19.20
N ASN A 67 11.42 9.64 20.10
CA ASN A 67 11.77 8.22 19.98
C ASN A 67 10.62 7.27 19.62
N VAL A 68 10.99 6.06 19.12
CA VAL A 68 10.09 4.96 18.77
C VAL A 68 10.11 4.03 20.00
N ASP A 69 9.15 4.21 20.93
CA ASP A 69 9.07 3.40 22.15
C ASP A 69 7.76 2.62 22.24
N GLU A 70 7.88 1.28 22.23
CA GLU A 70 6.79 0.28 22.30
C GLU A 70 6.06 0.34 23.64
N GLU A 71 6.79 0.58 24.73
CA GLU A 71 6.26 0.63 26.09
C GLU A 71 5.46 1.92 26.35
N LEU A 72 6.08 3.10 26.12
CA LEU A 72 5.49 4.42 26.34
C LEU A 72 4.49 4.87 25.24
N LYS A 73 4.33 4.06 24.15
CA LYS A 73 3.46 4.28 22.98
C LYS A 73 3.81 5.63 22.28
N THR A 74 5.08 5.77 21.88
CA THR A 74 5.52 7.00 21.22
C THR A 74 6.22 6.69 19.86
N HIS A 75 6.03 7.57 18.86
CA HIS A 75 6.61 7.46 17.51
C HIS A 75 6.79 8.87 16.91
N PRO A 76 7.98 9.21 16.35
CA PRO A 76 8.18 10.58 15.81
C PRO A 76 7.43 10.86 14.50
N MET A 77 6.83 9.83 13.87
CA MET A 77 6.11 10.00 12.61
C MET A 77 4.62 10.26 12.83
N LEU A 78 4.17 10.28 14.11
CA LEU A 78 2.78 10.58 14.45
C LEU A 78 2.58 12.09 14.44
N ARG A 79 2.67 12.67 13.24
CA ARG A 79 2.54 14.10 12.94
C ARG A 79 1.91 14.29 11.54
N PRO A 80 1.41 15.51 11.14
CA PRO A 80 0.81 15.62 9.79
C PRO A 80 1.80 15.31 8.66
N TYR A 81 1.28 14.70 7.57
CA TYR A 81 2.06 14.32 6.37
C TYR A 81 2.72 15.55 5.73
N LYS A 82 2.11 16.74 5.92
CA LYS A 82 2.57 18.06 5.46
C LYS A 82 3.90 18.45 6.13
N THR A 83 4.15 17.93 7.35
CA THR A 83 5.37 18.22 8.12
C THR A 83 6.55 17.35 7.69
N PHE A 84 6.33 16.36 6.79
CA PHE A 84 7.40 15.49 6.29
C PHE A 84 8.11 16.15 5.14
N SER A 85 9.40 15.87 4.99
CA SER A 85 10.19 16.38 3.86
C SER A 85 9.85 15.47 2.66
N GLU A 86 10.23 15.89 1.43
CA GLU A 86 9.98 15.10 0.22
C GLU A 86 10.64 13.71 0.28
N LYS A 87 11.89 13.63 0.80
CA LYS A 87 12.64 12.36 0.99
C LYS A 87 11.90 11.48 2.02
N ASP A 88 11.39 12.07 3.12
CA ASP A 88 10.61 11.33 4.13
C ASP A 88 9.29 10.80 3.58
N LYS A 89 8.64 11.57 2.69
CA LYS A 89 7.37 11.17 2.03
C LYS A 89 7.58 9.91 1.17
N GLU A 90 8.84 9.59 0.80
CA GLU A 90 9.18 8.39 0.01
C GLU A 90 8.91 7.11 0.77
N ILE A 91 8.87 7.15 2.14
CA ILE A 91 8.48 5.99 2.96
C ILE A 91 7.10 5.50 2.42
N TYR A 92 6.21 6.44 2.01
CA TYR A 92 4.89 6.08 1.50
C TYR A 92 4.81 6.00 -0.03
N ARG A 93 5.36 6.99 -0.75
CA ARG A 93 5.31 7.11 -2.22
C ARG A 93 6.01 5.99 -2.97
N TRP A 94 7.17 5.48 -2.44
CA TRP A 94 7.96 4.41 -3.05
C TRP A 94 7.12 3.13 -3.20
N PRO A 95 6.49 2.50 -2.17
CA PRO A 95 5.67 1.29 -2.43
C PRO A 95 4.49 1.54 -3.39
N ILE A 96 3.94 2.80 -3.39
CA ILE A 96 2.82 3.19 -4.26
C ILE A 96 3.26 3.21 -5.72
N LYS A 97 4.46 3.75 -5.99
CA LYS A 97 5.02 3.80 -7.35
C LYS A 97 5.27 2.39 -7.89
N GLU A 98 5.79 1.49 -7.03
CA GLU A 98 6.08 0.09 -7.33
C GLU A 98 4.81 -0.64 -7.73
N SER A 99 3.69 -0.38 -7.02
CA SER A 99 2.37 -0.94 -7.33
C SER A 99 1.94 -0.43 -8.69
N LEU A 100 2.01 0.90 -8.90
CA LEU A 100 1.62 1.56 -10.14
C LEU A 100 2.44 1.09 -11.32
N LYS A 101 3.77 0.90 -11.13
CA LYS A 101 4.68 0.39 -12.15
C LYS A 101 4.28 -1.00 -12.61
N ALA A 102 3.89 -1.89 -11.65
CA ALA A 102 3.45 -3.27 -11.93
C ALA A 102 2.18 -3.25 -12.82
N MET A 103 1.22 -2.36 -12.49
CA MET A 103 -0.03 -2.18 -13.22
C MET A 103 0.26 -1.70 -14.66
N ILE A 104 1.22 -0.76 -14.82
CA ILE A 104 1.63 -0.22 -16.11
C ILE A 104 2.38 -1.29 -16.93
N ALA A 105 3.29 -2.08 -16.29
CA ALA A 105 4.02 -3.16 -17.00
C ALA A 105 3.02 -4.20 -17.58
N TRP A 106 1.90 -4.45 -16.87
CA TRP A 106 0.85 -5.38 -17.33
C TRP A 106 -0.08 -4.75 -18.37
N GLU A 107 0.18 -3.48 -18.77
CA GLU A 107 -0.60 -2.70 -19.75
C GLU A 107 -2.05 -2.51 -19.30
N TRP A 108 -2.24 -2.34 -17.98
CA TRP A 108 -3.54 -2.02 -17.42
C TRP A 108 -3.70 -0.51 -17.67
N THR A 109 -4.93 -0.06 -17.83
CA THR A 109 -5.24 1.35 -18.04
C THR A 109 -5.65 1.98 -16.71
N ILE A 110 -5.15 3.19 -16.44
CA ILE A 110 -5.45 4.00 -15.26
C ILE A 110 -5.82 5.39 -15.83
N GLU A 111 -7.11 5.73 -15.83
CA GLU A 111 -7.57 7.01 -16.40
C GLU A 111 -8.61 7.66 -15.52
N LYS A 112 -8.44 8.97 -15.26
CA LYS A 112 -9.37 9.77 -14.48
C LYS A 112 -10.65 9.94 -15.33
N ALA A 113 -11.81 9.57 -14.78
CA ALA A 113 -13.09 9.60 -15.51
C ALA A 113 -14.22 10.32 -14.77
N ARG A 114 -14.06 10.55 -13.46
CA ARG A 114 -15.07 11.21 -12.61
C ARG A 114 -14.35 12.16 -11.67
N GLU A 115 -15.12 12.97 -10.91
CA GLU A 115 -14.60 13.90 -9.90
C GLU A 115 -14.01 13.05 -8.75
N GLY A 116 -12.90 13.52 -8.18
CA GLY A 116 -12.21 12.82 -7.09
C GLY A 116 -12.90 12.97 -5.74
N GLU A 117 -14.14 12.41 -5.63
CA GLU A 117 -15.06 12.42 -4.47
C GLU A 117 -14.42 12.72 -3.11
N TYR A 136 -14.76 6.63 18.66
CA TYR A 136 -13.85 7.72 18.35
C TYR A 136 -13.85 8.80 19.44
N ASP A 137 -12.64 9.19 19.86
CA ASP A 137 -12.37 10.24 20.85
C ASP A 137 -11.30 11.20 20.30
N PRO A 138 -11.55 12.54 20.24
CA PRO A 138 -10.51 13.45 19.73
C PRO A 138 -9.37 13.57 20.74
N ARG A 139 -8.19 13.04 20.35
CA ARG A 139 -6.98 13.02 21.17
C ARG A 139 -6.25 14.37 21.18
N GLU A 140 -5.20 14.47 22.03
CA GLU A 140 -4.34 15.62 22.19
C GLU A 140 -3.37 15.74 20.99
N GLY A 141 -3.46 16.85 20.26
CA GLY A 141 -2.61 17.15 19.12
C GLY A 141 -3.12 16.66 17.77
N TYR A 142 -2.26 15.90 17.05
CA TYR A 142 -2.55 15.35 15.72
C TYR A 142 -3.72 14.35 15.76
N ASN A 143 -4.77 14.65 14.97
CA ASN A 143 -5.95 13.80 14.88
C ASN A 143 -6.34 13.56 13.43
N PRO A 144 -5.68 12.59 12.75
CA PRO A 144 -6.03 12.32 11.35
C PRO A 144 -7.36 11.59 11.27
N GLN A 145 -8.23 12.02 10.36
CA GLN A 145 -9.53 11.37 10.14
C GLN A 145 -9.57 10.93 8.67
N PRO A 146 -8.90 9.80 8.32
CA PRO A 146 -8.90 9.38 6.91
C PRO A 146 -10.27 8.87 6.47
N PRO A 147 -10.64 8.97 5.17
CA PRO A 147 -11.94 8.43 4.74
C PRO A 147 -12.01 6.92 4.95
N ASP A 148 -13.21 6.40 5.22
CA ASP A 148 -13.46 4.98 5.42
C ASP A 148 -13.61 4.32 4.05
N LEU A 149 -12.76 3.32 3.76
CA LEU A 149 -12.72 2.59 2.48
C LEU A 149 -13.55 1.29 2.54
N SER A 150 -14.27 1.05 3.65
CA SER A 150 -15.15 -0.11 3.86
C SER A 150 -16.45 0.01 3.03
N GLY A 151 -16.85 1.24 2.71
CA GLY A 151 -18.03 1.55 1.90
C GLY A 151 -17.73 1.56 0.40
N VAL A 152 -16.44 1.49 0.02
CA VAL A 152 -16.01 1.45 -1.39
C VAL A 152 -16.07 -0.01 -1.81
N THR A 153 -16.88 -0.29 -2.85
CA THR A 153 -17.13 -1.63 -3.39
C THR A 153 -16.32 -1.84 -4.66
N LEU A 154 -15.63 -2.98 -4.73
CA LEU A 154 -14.88 -3.39 -5.90
C LEU A 154 -15.69 -4.42 -6.68
N SER A 155 -15.71 -4.27 -8.02
CA SER A 155 -16.37 -5.22 -8.91
C SER A 155 -15.57 -6.55 -8.87
N ARG A 156 -16.10 -7.63 -9.47
CA ARG A 156 -15.44 -8.93 -9.58
C ARG A 156 -14.10 -8.74 -10.28
N GLU A 157 -14.09 -7.90 -11.34
CA GLU A 157 -12.92 -7.58 -12.14
C GLU A 157 -11.82 -6.91 -11.31
N LEU A 158 -12.15 -5.89 -10.51
CA LEU A 158 -11.18 -5.17 -9.70
C LEU A 158 -10.66 -6.05 -8.57
N GLN A 159 -11.49 -6.96 -8.04
CA GLN A 159 -11.06 -7.91 -7.00
C GLN A 159 -10.06 -8.93 -7.59
N ALA A 160 -10.28 -9.35 -8.88
CA ALA A 160 -9.36 -10.25 -9.60
C ALA A 160 -8.03 -9.50 -9.82
N MET A 161 -8.10 -8.18 -10.12
CA MET A 161 -6.93 -7.30 -10.30
C MET A 161 -6.17 -7.13 -9.00
N ALA A 162 -6.90 -7.00 -7.88
CA ALA A 162 -6.30 -6.88 -6.54
C ALA A 162 -5.52 -8.17 -6.21
N GLU A 163 -6.07 -9.35 -6.58
CA GLU A 163 -5.47 -10.68 -6.38
C GLU A 163 -4.18 -10.79 -7.18
N GLN A 164 -4.18 -10.27 -8.43
CA GLN A 164 -2.97 -10.25 -9.28
C GLN A 164 -1.89 -9.31 -8.68
N LEU A 165 -2.27 -8.14 -8.15
CA LEU A 165 -1.32 -7.21 -7.50
C LEU A 165 -0.73 -7.89 -6.24
N ALA A 166 -1.61 -8.51 -5.41
CA ALA A 166 -1.26 -9.20 -4.17
C ALA A 166 -0.22 -10.31 -4.44
N GLU A 167 -0.43 -11.12 -5.50
CA GLU A 167 0.49 -12.17 -5.94
C GLU A 167 1.84 -11.57 -6.29
N ASN A 168 1.83 -10.40 -6.97
CA ASN A 168 3.05 -9.71 -7.34
C ASN A 168 3.80 -9.20 -6.10
N TYR A 169 3.07 -8.76 -5.02
CA TYR A 169 3.69 -8.30 -3.77
C TYR A 169 4.40 -9.48 -3.11
N HIS A 170 3.76 -10.66 -3.18
CA HIS A 170 4.26 -11.93 -2.66
C HIS A 170 5.53 -12.34 -3.42
N ASN A 171 5.51 -12.23 -4.76
CA ASN A 171 6.64 -12.60 -5.61
C ASN A 171 7.82 -11.64 -5.48
N THR A 172 7.52 -10.33 -5.27
CA THR A 172 8.51 -9.25 -5.08
C THR A 172 9.28 -9.51 -3.79
N TRP A 173 8.53 -9.70 -2.69
CA TRP A 173 9.06 -10.01 -1.38
C TRP A 173 9.81 -11.37 -1.43
N GLY A 174 9.22 -12.37 -2.11
CA GLY A 174 9.79 -13.71 -2.25
C GLY A 174 11.14 -13.74 -2.93
N ARG A 175 11.25 -13.01 -4.07
CA ARG A 175 12.52 -12.91 -4.82
C ARG A 175 13.58 -12.20 -4.00
N LYS A 176 13.20 -11.11 -3.30
CA LYS A 176 14.09 -10.35 -2.43
C LYS A 176 14.58 -11.22 -1.28
N LYS A 177 13.65 -11.94 -0.62
CA LYS A 177 13.95 -12.83 0.51
C LYS A 177 14.88 -14.00 0.10
N LYS A 178 14.58 -14.68 -1.03
CA LYS A 178 15.37 -15.79 -1.58
C LYS A 178 16.80 -15.31 -1.85
N GLN A 179 16.97 -14.12 -2.48
CA GLN A 179 18.30 -13.53 -2.79
C GLN A 179 19.06 -13.19 -1.50
N GLU A 180 18.36 -12.60 -0.50
CA GLU A 180 18.93 -12.25 0.81
C GLU A 180 19.44 -13.51 1.50
N LEU A 181 18.60 -14.56 1.61
CA LEU A 181 18.99 -15.82 2.24
C LEU A 181 20.17 -16.49 1.55
N GLU A 182 20.20 -16.47 0.20
CA GLU A 182 21.28 -17.05 -0.64
C GLU A 182 22.60 -16.36 -0.44
N ALA A 183 22.56 -15.02 -0.34
CA ALA A 183 23.73 -14.16 -0.13
C ALA A 183 24.22 -14.24 1.31
N LYS A 184 23.29 -14.14 2.29
CA LYS A 184 23.62 -14.10 3.72
C LYS A 184 23.68 -15.50 4.37
N GLY A 185 23.66 -16.55 3.53
CA GLY A 185 23.76 -17.96 3.90
C GLY A 185 22.68 -18.47 4.81
N GLY A 186 21.57 -17.72 4.91
CA GLY A 186 20.42 -18.01 5.76
C GLY A 186 19.69 -19.29 5.45
N GLY A 187 18.82 -19.68 6.37
CA GLY A 187 18.01 -20.88 6.25
C GLY A 187 16.85 -20.77 5.29
N THR A 188 15.63 -20.98 5.82
CA THR A 188 14.40 -20.94 5.04
C THR A 188 13.33 -20.01 5.66
N HIS A 189 12.16 -19.93 4.99
CA HIS A 189 11.03 -19.12 5.37
C HIS A 189 9.73 -19.77 4.89
N PRO A 190 8.70 -19.90 5.77
CA PRO A 190 7.42 -20.51 5.36
C PRO A 190 6.66 -19.79 4.25
N LEU A 191 6.98 -18.51 3.98
CA LEU A 191 6.32 -17.77 2.92
C LEU A 191 7.01 -17.94 1.57
N LEU A 192 8.14 -18.70 1.53
CA LEU A 192 8.84 -18.95 0.26
C LEU A 192 8.23 -20.17 -0.39
N VAL A 193 7.00 -19.98 -0.86
CA VAL A 193 6.14 -20.99 -1.50
C VAL A 193 5.29 -20.24 -2.54
N PRO A 194 4.73 -20.89 -3.59
CA PRO A 194 3.89 -20.11 -4.54
C PRO A 194 2.67 -19.50 -3.85
N TYR A 195 2.26 -18.29 -4.31
CA TYR A 195 1.10 -17.57 -3.82
C TYR A 195 -0.17 -18.41 -3.87
N ASP A 196 -0.34 -19.23 -4.93
CA ASP A 196 -1.54 -20.06 -5.09
C ASP A 196 -1.61 -21.28 -4.11
N THR A 197 -0.58 -21.48 -3.25
CA THR A 197 -0.61 -22.55 -2.24
C THR A 197 -1.05 -21.99 -0.87
N LEU A 198 -1.24 -20.65 -0.76
CA LEU A 198 -1.61 -19.96 0.49
C LEU A 198 -3.12 -19.93 0.70
N THR A 199 -3.56 -19.88 1.98
CA THR A 199 -5.00 -19.80 2.30
C THR A 199 -5.46 -18.34 2.18
N ALA A 200 -6.79 -18.07 2.24
CA ALA A 200 -7.34 -16.70 2.18
C ALA A 200 -6.75 -15.82 3.29
N LYS A 201 -6.59 -16.37 4.52
CA LYS A 201 -6.03 -15.67 5.68
C LYS A 201 -4.54 -15.39 5.50
N GLU A 202 -3.76 -16.34 4.94
CA GLU A 202 -2.33 -16.13 4.70
C GLU A 202 -2.09 -15.06 3.62
N LYS A 203 -3.05 -14.90 2.69
CA LYS A 203 -3.02 -13.93 1.59
C LYS A 203 -3.53 -12.54 1.99
N ALA A 204 -4.31 -12.46 3.08
CA ALA A 204 -5.02 -11.27 3.57
C ALA A 204 -4.20 -9.97 3.55
N ARG A 205 -2.98 -9.97 4.12
CA ARG A 205 -2.10 -8.79 4.18
C ARG A 205 -1.82 -8.17 2.79
N ASP A 206 -1.40 -9.01 1.81
CA ASP A 206 -1.11 -8.54 0.46
C ASP A 206 -2.40 -8.19 -0.28
N ARG A 207 -3.48 -8.96 -0.07
CA ARG A 207 -4.81 -8.72 -0.66
C ARG A 207 -5.36 -7.35 -0.22
N GLU A 208 -5.31 -7.05 1.09
CA GLU A 208 -5.78 -5.79 1.67
C GLU A 208 -4.98 -4.60 1.14
N LYS A 209 -3.64 -4.77 0.96
CA LYS A 209 -2.79 -3.70 0.41
C LYS A 209 -3.25 -3.36 -1.03
N ALA A 210 -3.44 -4.39 -1.87
CA ALA A 210 -3.87 -4.26 -3.26
C ALA A 210 -5.28 -3.64 -3.34
N GLN A 211 -6.22 -4.13 -2.50
CA GLN A 211 -7.60 -3.66 -2.43
C GLN A 211 -7.68 -2.19 -2.02
N GLU A 212 -6.89 -1.77 -1.01
N GLU A 212 -6.89 -1.75 -1.01
CA GLU A 212 -6.84 -0.39 -0.54
CA GLU A 212 -6.91 -0.35 -0.57
C GLU A 212 -6.47 0.58 -1.69
C GLU A 212 -6.47 0.61 -1.69
N LEU A 213 -5.51 0.17 -2.55
CA LEU A 213 -5.04 0.95 -3.70
C LEU A 213 -6.15 1.10 -4.75
N LEU A 214 -6.79 0.00 -5.15
CA LEU A 214 -7.86 0.04 -6.17
C LEU A 214 -9.10 0.77 -5.67
N LYS A 215 -9.40 0.69 -4.34
CA LYS A 215 -10.53 1.40 -3.71
C LYS A 215 -10.27 2.92 -3.73
N PHE A 216 -9.06 3.34 -3.34
CA PHE A 216 -8.67 4.75 -3.35
C PHE A 216 -8.67 5.30 -4.79
N LEU A 217 -8.12 4.53 -5.77
CA LEU A 217 -8.15 4.90 -7.18
C LEU A 217 -9.61 5.16 -7.59
N GLN A 218 -10.53 4.20 -7.29
CA GLN A 218 -11.98 4.29 -7.61
C GLN A 218 -12.63 5.50 -6.92
N MET A 219 -12.38 5.66 -5.60
CA MET A 219 -12.90 6.77 -4.79
C MET A 219 -12.55 8.12 -5.39
N ASN A 220 -11.35 8.21 -5.99
CA ASN A 220 -10.80 9.42 -6.60
C ASN A 220 -11.12 9.57 -8.10
N GLY A 221 -12.12 8.83 -8.58
CA GLY A 221 -12.62 8.93 -9.95
C GLY A 221 -11.83 8.29 -11.07
N TYR A 222 -10.90 7.38 -10.74
CA TYR A 222 -10.10 6.67 -11.74
C TYR A 222 -10.80 5.39 -12.16
N ALA A 223 -10.81 5.15 -13.48
CA ALA A 223 -11.32 3.96 -14.14
C ALA A 223 -10.05 3.14 -14.42
N VAL A 224 -9.95 1.94 -13.82
CA VAL A 224 -8.82 1.02 -13.91
C VAL A 224 -9.29 -0.28 -14.57
N THR A 225 -8.62 -0.69 -15.65
CA THR A 225 -9.00 -1.91 -16.38
C THR A 225 -7.77 -2.71 -16.77
N ARG A 226 -7.94 -4.03 -16.99
CA ARG A 226 -6.87 -4.95 -17.42
C ARG A 226 -6.61 -4.86 -18.91
N GLY A 227 -7.42 -4.04 -19.61
CA GLY A 227 -7.36 -3.79 -21.04
C GLY A 227 -7.73 -4.98 -21.91
N UNK B 1 -16.83 11.20 0.63
CA UNK B 1 -16.88 9.95 1.38
C UNK B 1 -16.75 10.17 2.92
N UNK B 2 -17.32 9.23 3.71
CA UNK B 2 -17.32 9.28 5.17
C UNK B 2 -15.95 9.00 5.79
N UNK B 3 -15.59 9.78 6.83
CA UNK B 3 -14.33 9.66 7.57
C UNK B 3 -14.42 8.61 8.69
N UNK B 4 -13.32 7.85 8.90
CA UNK B 4 -13.20 6.79 9.92
C UNK B 4 -13.23 7.33 11.35
#